data_1SJE
#
_entry.id   1SJE
#
_cell.length_a   172.746
_cell.length_b   172.746
_cell.length_c   121.399
_cell.angle_alpha   90.00
_cell.angle_beta   90.00
_cell.angle_gamma   120.00
#
_symmetry.space_group_name_H-M   'H 3'
#
loop_
_entity.id
_entity.type
_entity.pdbx_description
1 polymer 'HLA class II histocompatibility antigen, DR alpha chain'
2 polymer 'HLA class II histocompatibility antigen, DRB1-1 beta chain'
3 polymer 'GAG polyprotein'
4 polymer 'Enterotoxin type C-3'
5 water water
#
loop_
_entity_poly.entity_id
_entity_poly.type
_entity_poly.pdbx_seq_one_letter_code
_entity_poly.pdbx_strand_id
1 'polypeptide(L)'
;EEHVIIQAEFYLNPDQSGEFMFDFDGDEIFHVDMAKKETVWRLEEFGRFASFEAQGALANIAVDKANLEIMTKRSNYTPI
TNVPPEVTVLTNSPVELREPNVLICFIDKFTPPVVNVTWLRNGKPVTTGVSETVFLPREDHLFRKFHYLPFLPSTEDVYD
CRVEHWGLDEPLLKHWEFDA
;
A
2 'polypeptide(L)'
;GDTRPRFLWQLKFECHFFNGTERVRLLERCIYNQEESVRFDSDVGEYRAVTELGRPDAEYWNSQKDLLEQRRAAVDTYCR
HNYGVGESFTVQRRVEPKVTVYPSKTQPLQHHNLLVCSVSGFYPGSIEVRWFRNGQEEKAGVVSTGLIQNGDWTFQTLVM
LETVPRSGEVYTCQVEHPSVTSPLTVEWRA
;
B
3 'polypeptide(L)' PEVIPMFSALSEGATP C
4 'polypeptide(L)'
;ESQPDPMPDDLHKSSEFTGTMGNMKYLYDDHYVSATKVKSVDSFFKWDLIYNISDKKLKNYDKVKTELLNEDLAKKYKDE
VVDVYGSNYYVNCYFSSKDNVGKVTGGKTCMYGGITKHEGNHFDNGNLQNVLVRVYENKRNTISFEVQTDKKSVTAQELD
IKARNFLINKKNLYEFNSSPYETGYIKFIENNGNTFWYDMMPAPGDKFDQSKYLMMYNDNKTVDSKSVKIEVHLTTKNG
;
D
#
# COMPACT_ATOMS: atom_id res chain seq x y z
N GLU A 1 -23.68 -13.20 12.94
CA GLU A 1 -23.41 -12.63 11.58
C GLU A 1 -22.71 -13.65 10.71
N GLU A 2 -22.46 -13.29 9.46
CA GLU A 2 -21.78 -14.20 8.56
C GLU A 2 -20.65 -13.56 7.77
N HIS A 3 -20.64 -12.22 7.65
CA HIS A 3 -19.57 -11.54 6.93
C HIS A 3 -19.24 -10.15 7.46
N VAL A 4 -17.96 -9.83 7.47
CA VAL A 4 -17.49 -8.52 7.93
C VAL A 4 -16.47 -7.94 6.95
N ILE A 5 -16.71 -6.74 6.47
CA ILE A 5 -15.77 -6.08 5.58
C ILE A 5 -15.22 -4.89 6.38
N ILE A 6 -13.91 -4.87 6.58
CA ILE A 6 -13.28 -3.78 7.33
C ILE A 6 -12.33 -2.92 6.52
N GLN A 7 -12.50 -1.62 6.66
CA GLN A 7 -11.60 -0.67 6.00
C GLN A 7 -10.70 -0.24 7.15
N ALA A 8 -9.44 -0.67 7.14
CA ALA A 8 -8.56 -0.30 8.23
C ALA A 8 -7.40 0.54 7.75
N GLU A 9 -7.10 1.59 8.51
CA GLU A 9 -5.99 2.47 8.18
C GLU A 9 -5.27 2.92 9.45
N PHE A 10 -4.03 3.38 9.31
CA PHE A 10 -3.31 3.86 10.47
C PHE A 10 -2.14 4.75 10.13
N TYR A 11 -1.67 5.51 11.13
CA TYR A 11 -0.51 6.34 10.93
C TYR A 11 0.33 6.24 12.20
N LEU A 12 1.61 5.96 12.01
CA LEU A 12 2.52 5.79 13.13
C LEU A 12 3.65 6.81 13.17
N ASN A 13 3.78 7.52 14.28
CA ASN A 13 4.88 8.46 14.47
C ASN A 13 5.84 7.78 15.43
N PRO A 14 7.15 8.05 15.29
CA PRO A 14 7.77 8.94 14.31
C PRO A 14 8.22 8.23 13.04
N ASP A 15 7.88 6.95 12.91
CA ASP A 15 8.28 6.17 11.74
C ASP A 15 7.68 6.72 10.46
N GLN A 16 6.57 7.42 10.59
CA GLN A 16 5.86 7.98 9.45
C GLN A 16 5.24 6.88 8.62
N SER A 17 4.84 5.79 9.27
CA SER A 17 4.22 4.67 8.59
C SER A 17 2.74 4.95 8.38
N GLY A 18 2.28 4.74 7.16
CA GLY A 18 0.88 4.93 6.85
C GLY A 18 0.39 3.70 6.13
N GLU A 19 -0.84 3.28 6.40
CA GLU A 19 -1.39 2.14 5.72
C GLU A 19 -2.90 2.31 5.56
N PHE A 20 -3.42 1.76 4.45
CA PHE A 20 -4.83 1.81 4.15
C PHE A 20 -5.18 0.51 3.42
N MET A 21 -6.01 -0.32 4.03
CA MET A 21 -6.39 -1.60 3.44
C MET A 21 -7.85 -1.97 3.69
N PHE A 22 -8.32 -3.00 2.97
CA PHE A 22 -9.67 -3.51 3.12
C PHE A 22 -9.53 -4.96 3.48
N ASP A 23 -10.37 -5.42 4.40
CA ASP A 23 -10.32 -6.77 4.92
C ASP A 23 -11.66 -7.49 4.75
N PHE A 24 -11.63 -8.75 4.34
CA PHE A 24 -12.86 -9.54 4.19
C PHE A 24 -12.71 -10.81 5.03
N ASP A 25 -13.49 -10.92 6.09
CA ASP A 25 -13.42 -12.07 6.97
C ASP A 25 -11.98 -12.43 7.34
N GLY A 26 -11.17 -11.42 7.64
CA GLY A 26 -9.79 -11.69 8.03
C GLY A 26 -8.78 -11.76 6.90
N ASP A 27 -9.24 -11.80 5.65
CA ASP A 27 -8.33 -11.86 4.51
C ASP A 27 -8.28 -10.52 3.79
N GLU A 28 -7.08 -10.02 3.56
CA GLU A 28 -6.91 -8.74 2.88
C GLU A 28 -7.43 -8.78 1.45
N ILE A 29 -8.20 -7.76 1.07
CA ILE A 29 -8.71 -7.66 -0.30
C ILE A 29 -7.68 -6.87 -1.09
N PHE A 30 -7.19 -5.79 -0.49
CA PHE A 30 -6.21 -4.93 -1.13
C PHE A 30 -5.73 -3.88 -0.14
N HIS A 31 -4.66 -3.18 -0.51
CA HIS A 31 -4.14 -2.07 0.29
C HIS A 31 -3.62 -1.06 -0.72
N VAL A 32 -3.30 0.15 -0.28
CA VAL A 32 -2.81 1.12 -1.21
C VAL A 32 -1.31 1.41 -1.02
N ASP A 33 -0.56 1.39 -2.13
CA ASP A 33 0.87 1.68 -2.09
C ASP A 33 0.91 3.20 -2.02
N MET A 34 1.31 3.74 -0.88
CA MET A 34 1.36 5.18 -0.67
C MET A 34 2.42 5.92 -1.48
N ALA A 35 3.43 5.20 -1.94
CA ALA A 35 4.50 5.82 -2.71
C ALA A 35 4.19 5.85 -4.20
N LYS A 36 3.76 4.72 -4.74
CA LYS A 36 3.44 4.64 -6.15
C LYS A 36 2.03 5.16 -6.38
N LYS A 37 1.30 5.32 -5.28
CA LYS A 37 -0.06 5.82 -5.33
C LYS A 37 -0.92 4.93 -6.21
N GLU A 38 -1.02 3.66 -5.81
CA GLU A 38 -1.83 2.72 -6.56
C GLU A 38 -2.38 1.61 -5.69
N THR A 39 -3.44 0.99 -6.18
CA THR A 39 -4.10 -0.10 -5.47
C THR A 39 -3.40 -1.42 -5.73
N VAL A 40 -3.15 -2.16 -4.66
CA VAL A 40 -2.47 -3.44 -4.76
C VAL A 40 -3.40 -4.55 -4.26
N TRP A 41 -4.03 -5.25 -5.20
CA TRP A 41 -4.96 -6.33 -4.88
C TRP A 41 -4.23 -7.55 -4.31
N ARG A 42 -4.76 -8.11 -3.22
CA ARG A 42 -4.13 -9.27 -2.59
C ARG A 42 -4.00 -10.41 -3.60
N LEU A 43 -5.05 -10.63 -4.38
CA LEU A 43 -5.04 -11.64 -5.42
C LEU A 43 -5.32 -10.94 -6.75
N GLU A 44 -4.40 -11.10 -7.70
CA GLU A 44 -4.49 -10.50 -9.03
C GLU A 44 -5.90 -10.43 -9.64
N GLU A 45 -6.63 -11.53 -9.63
CA GLU A 45 -7.96 -11.54 -10.24
C GLU A 45 -8.97 -10.56 -9.64
N PHE A 46 -8.78 -10.18 -8.38
CA PHE A 46 -9.69 -9.23 -7.76
C PHE A 46 -9.72 -7.96 -8.60
N GLY A 47 -8.54 -7.51 -8.98
CA GLY A 47 -8.40 -6.29 -9.77
C GLY A 47 -9.11 -6.28 -11.11
N ARG A 48 -9.62 -7.43 -11.53
CA ARG A 48 -10.32 -7.50 -12.80
C ARG A 48 -11.82 -7.45 -12.57
N PHE A 49 -12.23 -7.55 -11.32
CA PHE A 49 -13.66 -7.53 -10.99
C PHE A 49 -14.07 -6.22 -10.32
N ALA A 50 -13.10 -5.50 -9.78
CA ALA A 50 -13.39 -4.25 -9.10
C ALA A 50 -12.24 -3.28 -9.19
N SER A 51 -12.48 -2.05 -8.77
CA SER A 51 -11.44 -1.03 -8.79
C SER A 51 -11.57 -0.16 -7.54
N PHE A 52 -10.50 0.58 -7.25
CA PHE A 52 -10.47 1.49 -6.12
C PHE A 52 -9.59 2.68 -6.45
N GLU A 53 -10.09 3.89 -6.19
CA GLU A 53 -9.31 5.09 -6.46
C GLU A 53 -8.36 5.34 -5.30
N ALA A 54 -7.09 4.99 -5.53
CA ALA A 54 -6.03 5.11 -4.55
C ALA A 54 -5.89 6.50 -3.92
N GLN A 55 -6.19 7.55 -4.67
CA GLN A 55 -6.08 8.90 -4.14
C GLN A 55 -6.96 9.05 -2.89
N GLY A 56 -8.00 8.25 -2.78
CA GLY A 56 -8.88 8.32 -1.63
C GLY A 56 -8.19 7.92 -0.34
N ALA A 57 -7.26 6.96 -0.44
CA ALA A 57 -6.53 6.52 0.73
C ALA A 57 -5.56 7.64 1.16
N LEU A 58 -4.97 8.30 0.18
CA LEU A 58 -4.02 9.38 0.44
C LEU A 58 -4.67 10.60 1.11
N ALA A 59 -5.94 10.86 0.80
CA ALA A 59 -6.62 11.98 1.43
C ALA A 59 -6.89 11.62 2.88
N ASN A 60 -7.37 10.40 3.08
CA ASN A 60 -7.68 9.93 4.42
C ASN A 60 -6.45 9.91 5.32
N ILE A 61 -5.36 9.35 4.81
CA ILE A 61 -4.13 9.23 5.59
C ILE A 61 -3.61 10.59 6.06
N ALA A 62 -3.84 11.64 5.29
CA ALA A 62 -3.40 12.96 5.68
C ALA A 62 -4.23 13.42 6.88
N VAL A 63 -5.53 13.11 6.86
CA VAL A 63 -6.40 13.48 7.98
C VAL A 63 -5.99 12.64 9.20
N ASP A 64 -5.69 11.36 8.97
CA ASP A 64 -5.27 10.48 10.05
C ASP A 64 -4.02 10.98 10.76
N LYS A 65 -3.08 11.57 10.01
CA LYS A 65 -1.87 12.06 10.64
C LYS A 65 -2.19 13.27 11.51
N ALA A 66 -2.92 14.22 10.94
CA ALA A 66 -3.31 15.42 11.68
C ALA A 66 -3.98 15.00 12.97
N ASN A 67 -4.84 13.99 12.90
CA ASN A 67 -5.53 13.50 14.10
C ASN A 67 -4.55 12.86 15.08
N LEU A 68 -3.58 12.12 14.57
CA LEU A 68 -2.59 11.49 15.44
C LEU A 68 -1.87 12.56 16.26
N GLU A 69 -1.57 13.67 15.61
CA GLU A 69 -0.87 14.79 16.25
C GLU A 69 -1.71 15.37 17.38
N ILE A 70 -2.99 15.58 17.10
CA ILE A 70 -3.92 16.13 18.08
C ILE A 70 -4.05 15.22 19.30
N MET A 71 -4.22 13.93 19.04
CA MET A 71 -4.38 12.93 20.07
C MET A 71 -3.11 12.75 20.90
N THR A 72 -1.97 12.74 20.23
CA THR A 72 -0.70 12.59 20.91
C THR A 72 -0.60 13.68 21.96
N LYS A 73 -0.87 14.91 21.53
CA LYS A 73 -0.82 16.04 22.44
C LYS A 73 -1.92 15.96 23.50
N ARG A 74 -3.08 15.43 23.12
CA ARG A 74 -4.18 15.35 24.07
C ARG A 74 -3.97 14.34 25.20
N SER A 75 -3.13 13.35 24.97
CA SER A 75 -2.85 12.32 25.98
C SER A 75 -1.62 12.69 26.80
N ASN A 76 -1.11 13.90 26.59
CA ASN A 76 0.11 14.34 27.26
C ASN A 76 1.23 13.44 26.79
N TYR A 77 1.29 13.27 25.48
CA TYR A 77 2.31 12.47 24.82
C TYR A 77 2.54 11.11 25.43
N THR A 78 1.43 10.40 25.65
CA THR A 78 1.49 9.04 26.19
C THR A 78 1.84 8.14 25.02
N PRO A 79 3.05 7.57 25.04
CA PRO A 79 3.56 6.68 24.00
C PRO A 79 2.93 5.30 24.10
N ILE A 80 2.96 4.55 23.00
CA ILE A 80 2.38 3.22 22.99
C ILE A 80 3.24 2.21 23.74
N THR A 81 2.60 1.22 24.33
CA THR A 81 3.28 0.15 25.05
C THR A 81 3.58 -0.95 24.03
N ASN A 82 4.85 -1.31 23.85
CA ASN A 82 5.22 -2.37 22.92
C ASN A 82 4.64 -3.72 23.36
N VAL A 83 3.99 -4.42 22.43
CA VAL A 83 3.44 -5.73 22.73
C VAL A 83 4.11 -6.67 21.72
N PRO A 84 5.00 -7.55 22.19
CA PRO A 84 5.74 -8.51 21.36
C PRO A 84 4.86 -9.54 20.64
N PRO A 85 5.26 -9.93 19.42
CA PRO A 85 4.52 -10.90 18.60
C PRO A 85 4.67 -12.35 18.99
N GLU A 86 3.62 -13.11 18.67
CA GLU A 86 3.62 -14.54 18.85
C GLU A 86 4.01 -14.97 17.45
N VAL A 87 5.06 -15.76 17.32
CA VAL A 87 5.49 -16.20 15.99
C VAL A 87 5.36 -17.70 15.82
N THR A 88 4.76 -18.09 14.71
CA THR A 88 4.56 -19.50 14.39
C THR A 88 5.01 -19.76 12.95
N VAL A 89 5.70 -20.87 12.74
CA VAL A 89 6.14 -21.23 11.40
C VAL A 89 5.41 -22.50 10.98
N LEU A 90 4.85 -22.49 9.78
CA LEU A 90 4.11 -23.63 9.25
C LEU A 90 4.19 -23.65 7.74
N THR A 91 3.85 -24.80 7.16
CA THR A 91 3.83 -24.95 5.71
C THR A 91 2.35 -24.79 5.36
N ASN A 92 2.05 -24.23 4.19
CA ASN A 92 0.65 -24.04 3.84
C ASN A 92 -0.08 -25.37 3.65
N SER A 93 0.67 -26.46 3.49
CA SER A 93 0.07 -27.78 3.29
C SER A 93 1.00 -28.87 3.80
N PRO A 94 0.47 -30.09 4.01
CA PRO A 94 1.32 -31.18 4.49
C PRO A 94 2.57 -31.29 3.63
N VAL A 95 3.72 -31.47 4.28
CA VAL A 95 4.98 -31.55 3.55
C VAL A 95 5.39 -32.95 3.09
N GLU A 96 5.90 -33.02 1.86
CA GLU A 96 6.36 -34.26 1.24
C GLU A 96 7.70 -33.93 0.58
N LEU A 97 8.68 -34.83 0.69
CA LEU A 97 10.01 -34.60 0.11
C LEU A 97 9.99 -34.21 -1.36
N ARG A 98 10.87 -33.29 -1.73
CA ARG A 98 11.00 -32.79 -3.10
C ARG A 98 9.69 -32.29 -3.71
N GLU A 99 8.67 -32.15 -2.88
CA GLU A 99 7.36 -31.66 -3.32
C GLU A 99 7.24 -30.18 -2.98
N PRO A 100 7.12 -29.31 -4.00
CA PRO A 100 7.01 -27.86 -3.78
C PRO A 100 6.03 -27.50 -2.67
N ASN A 101 6.43 -26.54 -1.84
CA ASN A 101 5.60 -26.10 -0.73
C ASN A 101 5.96 -24.66 -0.39
N VAL A 102 5.37 -24.13 0.67
CA VAL A 102 5.65 -22.77 1.09
C VAL A 102 5.68 -22.66 2.61
N LEU A 103 6.77 -22.08 3.11
CA LEU A 103 6.90 -21.88 4.54
C LEU A 103 6.19 -20.57 4.84
N ILE A 104 5.38 -20.58 5.88
CA ILE A 104 4.64 -19.41 6.29
C ILE A 104 5.08 -19.01 7.68
N CYS A 105 5.46 -17.74 7.83
CA CYS A 105 5.86 -17.23 9.13
C CYS A 105 4.73 -16.31 9.58
N PHE A 106 3.98 -16.75 10.58
CA PHE A 106 2.85 -15.99 11.10
C PHE A 106 3.25 -15.14 12.32
N ILE A 107 3.22 -13.82 12.13
CA ILE A 107 3.58 -12.88 13.20
C ILE A 107 2.24 -12.29 13.64
N ASP A 108 1.85 -12.57 14.88
CA ASP A 108 0.54 -12.15 15.36
C ASP A 108 0.52 -11.51 16.75
N LYS A 109 -0.57 -10.83 17.06
CA LYS A 109 -0.75 -10.19 18.36
C LYS A 109 0.37 -9.23 18.78
N PHE A 110 0.69 -8.26 17.93
CA PHE A 110 1.75 -7.33 18.28
C PHE A 110 1.44 -5.89 17.90
N THR A 111 2.17 -4.95 18.50
CA THR A 111 2.00 -3.54 18.22
C THR A 111 3.20 -2.85 18.90
N PRO A 112 3.70 -1.74 18.32
CA PRO A 112 3.27 -1.05 17.09
C PRO A 112 3.56 -1.84 15.82
N PRO A 113 2.92 -1.47 14.70
CA PRO A 113 3.09 -2.12 13.40
C PRO A 113 4.43 -1.86 12.70
N VAL A 114 5.48 -2.45 13.24
CA VAL A 114 6.83 -2.34 12.70
C VAL A 114 7.56 -3.60 13.13
N VAL A 115 8.09 -4.34 12.16
CA VAL A 115 8.84 -5.56 12.44
C VAL A 115 9.87 -5.81 11.36
N ASN A 116 10.92 -6.55 11.71
CA ASN A 116 11.96 -6.91 10.76
C ASN A 116 11.94 -8.42 10.73
N VAL A 117 11.61 -8.98 9.57
CA VAL A 117 11.55 -10.42 9.40
C VAL A 117 12.53 -10.90 8.33
N THR A 118 13.28 -11.94 8.64
CA THR A 118 14.23 -12.51 7.69
C THR A 118 14.17 -14.04 7.79
N TRP A 119 14.37 -14.71 6.66
CA TRP A 119 14.35 -16.17 6.64
C TRP A 119 15.79 -16.66 6.63
N LEU A 120 15.99 -17.87 7.17
CA LEU A 120 17.32 -18.45 7.21
C LEU A 120 17.29 -19.91 6.77
N ARG A 121 18.04 -20.21 5.72
CA ARG A 121 18.16 -21.57 5.21
C ARG A 121 19.52 -22.06 5.66
N ASN A 122 19.52 -22.98 6.63
CA ASN A 122 20.77 -23.50 7.18
C ASN A 122 21.61 -22.37 7.75
N GLY A 123 20.97 -21.53 8.58
CA GLY A 123 21.68 -20.42 9.21
C GLY A 123 22.04 -19.24 8.34
N LYS A 124 21.66 -19.27 7.07
CA LYS A 124 21.99 -18.16 6.18
C LYS A 124 20.74 -17.49 5.64
N PRO A 125 20.77 -16.16 5.45
CA PRO A 125 19.66 -15.36 4.95
C PRO A 125 19.16 -15.76 3.55
N VAL A 126 17.84 -15.91 3.43
CA VAL A 126 17.20 -16.27 2.16
C VAL A 126 16.43 -15.09 1.61
N THR A 127 16.56 -14.84 0.30
CA THR A 127 15.87 -13.73 -0.34
C THR A 127 15.03 -14.17 -1.52
N THR A 128 15.44 -15.27 -2.13
CA THR A 128 14.76 -15.81 -3.30
C THR A 128 13.31 -16.23 -3.11
N GLY A 129 12.44 -15.63 -3.92
CA GLY A 129 11.02 -15.94 -3.89
C GLY A 129 10.19 -15.58 -2.67
N VAL A 130 10.78 -14.88 -1.71
CA VAL A 130 10.03 -14.50 -0.52
C VAL A 130 9.08 -13.34 -0.77
N SER A 131 7.94 -13.35 -0.08
CA SER A 131 6.96 -12.29 -0.20
C SER A 131 6.36 -12.07 1.18
N GLU A 132 5.60 -10.99 1.33
CA GLU A 132 5.00 -10.68 2.62
C GLU A 132 3.73 -9.86 2.44
N THR A 133 2.92 -9.79 3.50
CA THR A 133 1.69 -9.02 3.46
C THR A 133 1.90 -7.74 4.28
N VAL A 134 0.90 -6.86 4.29
CA VAL A 134 0.98 -5.64 5.08
C VAL A 134 0.41 -6.01 6.44
N PHE A 135 0.41 -5.06 7.36
CA PHE A 135 -0.12 -5.31 8.70
C PHE A 135 -1.64 -5.44 8.62
N LEU A 136 -2.18 -6.54 9.13
CA LEU A 136 -3.61 -6.79 9.10
C LEU A 136 -4.19 -6.51 10.48
N PRO A 137 -5.45 -6.02 10.53
CA PRO A 137 -6.13 -5.69 11.78
C PRO A 137 -6.64 -6.88 12.60
N ARG A 138 -6.77 -6.64 13.91
CA ARG A 138 -7.27 -7.63 14.86
C ARG A 138 -8.30 -6.90 15.70
N GLU A 139 -9.29 -7.63 16.21
CA GLU A 139 -10.32 -7.03 17.03
C GLU A 139 -9.73 -6.34 18.27
N ASP A 140 -8.66 -6.91 18.83
CA ASP A 140 -8.04 -6.31 20.01
C ASP A 140 -7.17 -5.10 19.64
N HIS A 141 -7.18 -4.75 18.35
CA HIS A 141 -6.44 -3.62 17.83
C HIS A 141 -4.93 -3.77 17.71
N LEU A 142 -4.45 -5.00 17.84
CA LEU A 142 -3.03 -5.31 17.67
C LEU A 142 -2.97 -5.71 16.20
N PHE A 143 -1.84 -6.24 15.74
CA PHE A 143 -1.76 -6.60 14.33
C PHE A 143 -1.30 -8.03 14.02
N ARG A 144 -1.47 -8.43 12.77
CA ARG A 144 -1.07 -9.75 12.28
C ARG A 144 -0.28 -9.47 11.01
N LYS A 145 0.51 -10.43 10.57
CA LYS A 145 1.29 -10.25 9.36
C LYS A 145 1.82 -11.61 8.90
N PHE A 146 1.93 -11.79 7.59
CA PHE A 146 2.43 -13.06 7.05
C PHE A 146 3.62 -12.84 6.12
N HIS A 147 4.63 -13.70 6.26
CA HIS A 147 5.80 -13.67 5.39
C HIS A 147 5.86 -15.08 4.80
N TYR A 148 6.13 -15.18 3.49
CA TYR A 148 6.16 -16.48 2.87
C TYR A 148 7.49 -16.83 2.21
N LEU A 149 7.79 -18.12 2.16
CA LEU A 149 9.02 -18.61 1.55
C LEU A 149 8.75 -19.90 0.80
N PRO A 150 8.73 -19.83 -0.54
CA PRO A 150 8.50 -21.03 -1.36
C PRO A 150 9.75 -21.90 -1.28
N PHE A 151 9.59 -23.21 -1.09
CA PHE A 151 10.74 -24.08 -1.00
C PHE A 151 10.49 -25.52 -1.44
N LEU A 152 11.56 -26.29 -1.49
CA LEU A 152 11.51 -27.69 -1.87
C LEU A 152 12.03 -28.48 -0.67
N PRO A 153 11.15 -29.19 0.04
CA PRO A 153 11.52 -29.98 1.20
C PRO A 153 12.68 -30.95 0.99
N SER A 154 13.39 -31.23 2.09
CA SER A 154 14.53 -32.15 2.08
C SER A 154 14.99 -32.34 3.52
N THR A 155 15.57 -33.50 3.82
CA THR A 155 16.04 -33.79 5.16
C THR A 155 17.35 -33.07 5.48
N GLU A 156 17.85 -32.31 4.51
CA GLU A 156 19.11 -31.58 4.69
C GLU A 156 18.91 -30.12 5.09
N ASP A 157 17.90 -29.48 4.52
CA ASP A 157 17.62 -28.08 4.83
C ASP A 157 16.80 -27.85 6.09
N VAL A 158 17.21 -26.85 6.86
CA VAL A 158 16.53 -26.45 8.08
C VAL A 158 16.31 -24.95 7.95
N TYR A 159 15.16 -24.46 8.40
CA TYR A 159 14.90 -23.04 8.28
C TYR A 159 14.60 -22.37 9.62
N ASP A 160 14.66 -21.04 9.60
CA ASP A 160 14.38 -20.22 10.77
C ASP A 160 13.72 -18.93 10.32
N CYS A 161 12.67 -18.51 11.02
CA CYS A 161 12.05 -17.24 10.71
C CYS A 161 12.58 -16.35 11.83
N ARG A 162 13.38 -15.36 11.47
CA ARG A 162 13.97 -14.46 12.48
C ARG A 162 13.19 -13.16 12.59
N VAL A 163 12.55 -12.95 13.74
CA VAL A 163 11.74 -11.75 13.94
C VAL A 163 12.27 -10.77 14.98
N GLU A 164 12.28 -9.49 14.62
CA GLU A 164 12.73 -8.44 15.52
C GLU A 164 11.61 -7.43 15.76
N HIS A 165 11.39 -7.08 17.01
CA HIS A 165 10.34 -6.14 17.39
C HIS A 165 10.70 -5.52 18.72
N TRP A 166 10.45 -4.21 18.87
CA TRP A 166 10.78 -3.50 20.10
C TRP A 166 10.23 -4.13 21.37
N GLY A 167 9.29 -5.07 21.22
CA GLY A 167 8.71 -5.73 22.38
C GLY A 167 9.51 -6.95 22.78
N LEU A 168 10.38 -7.39 21.88
CA LEU A 168 11.23 -8.54 22.11
C LEU A 168 12.61 -8.10 22.56
N ASP A 169 13.03 -8.57 23.72
CA ASP A 169 14.34 -8.21 24.26
C ASP A 169 15.46 -8.67 23.33
N GLU A 170 15.22 -9.75 22.62
CA GLU A 170 16.20 -10.27 21.67
C GLU A 170 15.46 -10.78 20.44
N PRO A 171 16.15 -10.90 19.30
CA PRO A 171 15.49 -11.40 18.10
C PRO A 171 14.95 -12.80 18.34
N LEU A 172 13.74 -13.07 17.85
CA LEU A 172 13.13 -14.39 18.03
C LEU A 172 13.33 -15.25 16.79
N LEU A 173 13.84 -16.47 16.98
CA LEU A 173 14.04 -17.38 15.86
C LEU A 173 13.13 -18.59 15.99
N LYS A 174 12.28 -18.79 14.99
CA LYS A 174 11.38 -19.94 14.99
C LYS A 174 11.96 -20.91 13.99
N HIS A 175 12.36 -22.06 14.50
CA HIS A 175 12.98 -23.09 13.68
C HIS A 175 11.99 -24.02 13.01
N TRP A 176 12.39 -24.54 11.85
CA TRP A 176 11.57 -25.47 11.11
C TRP A 176 12.49 -26.42 10.37
N GLU A 177 12.12 -27.70 10.36
CA GLU A 177 12.92 -28.71 9.68
C GLU A 177 12.01 -29.89 9.35
N PHE A 178 12.40 -30.67 8.34
CA PHE A 178 11.61 -31.82 7.94
C PHE A 178 11.67 -32.90 9.03
N ASP A 179 10.55 -33.10 9.72
CA ASP A 179 10.48 -34.09 10.79
C ASP A 179 9.32 -35.05 10.53
N ALA A 180 8.62 -34.84 9.41
CA ALA A 180 7.49 -35.68 9.04
C ALA A 180 7.98 -37.04 8.56
N GLY B 1 20.93 3.58 19.92
CA GLY B 1 19.82 2.83 19.24
C GLY B 1 18.55 3.65 19.15
N ASP B 2 17.57 3.16 18.38
CA ASP B 2 16.30 3.85 18.22
C ASP B 2 15.36 3.53 19.37
N THR B 3 15.22 4.48 20.28
CA THR B 3 14.37 4.31 21.45
C THR B 3 13.26 5.36 21.58
N ARG B 4 13.01 6.12 20.52
CA ARG B 4 11.95 7.14 20.61
C ARG B 4 10.60 6.48 20.86
N PRO B 5 9.72 7.17 21.58
CA PRO B 5 8.38 6.65 21.87
C PRO B 5 7.57 6.65 20.58
N ARG B 6 6.68 5.67 20.41
CA ARG B 6 5.85 5.65 19.20
C ARG B 6 4.46 6.12 19.62
N PHE B 7 3.72 6.66 18.64
CA PHE B 7 2.38 7.16 18.86
C PHE B 7 1.57 6.70 17.65
N LEU B 8 0.61 5.82 17.88
CA LEU B 8 -0.20 5.24 16.81
C LEU B 8 -1.63 5.76 16.79
N TRP B 9 -2.27 5.67 15.62
CA TRP B 9 -3.66 6.10 15.47
C TRP B 9 -4.27 5.25 14.38
N GLN B 10 -5.29 4.50 14.75
CA GLN B 10 -5.97 3.65 13.78
C GLN B 10 -7.40 4.12 13.58
N LEU B 11 -7.90 3.89 12.38
CA LEU B 11 -9.28 4.24 12.02
C LEU B 11 -9.83 3.00 11.33
N LYS B 12 -10.99 2.54 11.79
CA LYS B 12 -11.61 1.34 11.22
C LYS B 12 -13.08 1.51 10.97
N PHE B 13 -13.53 1.10 9.79
CA PHE B 13 -14.96 1.16 9.46
C PHE B 13 -15.33 -0.28 9.23
N GLU B 14 -16.10 -0.85 10.16
CA GLU B 14 -16.52 -2.24 10.03
C GLU B 14 -17.96 -2.39 9.59
N CYS B 15 -18.15 -3.13 8.50
CA CYS B 15 -19.50 -3.41 8.00
C CYS B 15 -19.81 -4.86 8.32
N HIS B 16 -20.80 -5.07 9.19
CA HIS B 16 -21.20 -6.42 9.58
C HIS B 16 -22.50 -6.76 8.87
N PHE B 17 -22.51 -7.89 8.15
CA PHE B 17 -23.65 -8.34 7.38
C PHE B 17 -24.28 -9.61 7.93
N PHE B 18 -25.59 -9.58 8.11
CA PHE B 18 -26.34 -10.74 8.62
C PHE B 18 -27.37 -11.12 7.55
N ASN B 19 -27.46 -12.42 7.25
CA ASN B 19 -28.38 -12.92 6.24
C ASN B 19 -28.14 -12.16 4.95
N GLY B 20 -26.91 -12.21 4.46
CA GLY B 20 -26.56 -11.50 3.25
C GLY B 20 -26.52 -10.02 3.52
N THR B 21 -27.44 -9.30 2.89
CA THR B 21 -27.54 -7.85 3.05
C THR B 21 -28.86 -7.51 3.74
N GLU B 22 -29.43 -8.47 4.44
CA GLU B 22 -30.71 -8.24 5.11
C GLU B 22 -30.59 -7.25 6.26
N ARG B 23 -29.60 -7.48 7.11
CA ARG B 23 -29.35 -6.60 8.25
C ARG B 23 -27.90 -6.20 8.17
N VAL B 24 -27.65 -4.91 8.26
CA VAL B 24 -26.29 -4.41 8.19
C VAL B 24 -26.00 -3.43 9.31
N ARG B 25 -24.81 -3.55 9.88
CA ARG B 25 -24.39 -2.67 10.96
C ARG B 25 -23.05 -2.06 10.64
N LEU B 26 -22.94 -0.74 10.78
CA LEU B 26 -21.69 -0.06 10.53
C LEU B 26 -21.10 0.32 11.89
N LEU B 27 -19.82 0.04 12.07
CA LEU B 27 -19.14 0.39 13.32
C LEU B 27 -17.86 1.12 12.97
N GLU B 28 -17.85 2.44 13.19
CA GLU B 28 -16.68 3.28 12.92
C GLU B 28 -15.93 3.44 14.25
N ARG B 29 -14.68 3.00 14.31
CA ARG B 29 -13.93 3.12 15.54
C ARG B 29 -12.53 3.72 15.43
N CYS B 30 -12.19 4.56 16.40
CA CYS B 30 -10.90 5.23 16.48
C CYS B 30 -10.11 4.67 17.66
N ILE B 31 -8.84 4.36 17.43
CA ILE B 31 -8.00 3.80 18.47
C ILE B 31 -6.69 4.60 18.59
N TYR B 32 -6.38 5.14 19.76
CA TYR B 32 -5.14 5.90 19.90
C TYR B 32 -3.93 4.97 19.85
N ASN B 33 -3.51 4.38 20.96
CA ASN B 33 -2.37 3.47 20.83
C ASN B 33 -2.99 2.07 20.79
N GLN B 34 -3.43 1.56 21.93
CA GLN B 34 -4.11 0.28 21.94
C GLN B 34 -5.48 0.50 22.57
N GLU B 35 -5.83 1.78 22.71
CA GLU B 35 -7.09 2.17 23.33
C GLU B 35 -8.14 2.80 22.40
N GLU B 36 -9.27 2.10 22.21
CA GLU B 36 -10.36 2.64 21.39
C GLU B 36 -10.90 3.83 22.19
N SER B 37 -10.96 5.00 21.58
CA SER B 37 -11.41 6.19 22.28
C SER B 37 -12.81 6.71 21.91
N VAL B 38 -13.21 6.52 20.66
CA VAL B 38 -14.50 7.01 20.21
C VAL B 38 -14.99 6.13 19.07
N ARG B 39 -16.31 6.07 18.89
CA ARG B 39 -16.88 5.26 17.83
C ARG B 39 -18.27 5.71 17.39
N PHE B 40 -18.66 5.28 16.20
CA PHE B 40 -19.99 5.56 15.68
C PHE B 40 -20.59 4.20 15.35
N ASP B 41 -21.66 3.86 16.05
CA ASP B 41 -22.35 2.58 15.87
C ASP B 41 -23.67 2.91 15.15
N SER B 42 -23.87 2.38 13.94
CA SER B 42 -25.10 2.69 13.23
C SER B 42 -26.34 2.28 14.05
N ASP B 43 -26.17 1.32 14.94
CA ASP B 43 -27.28 0.90 15.80
C ASP B 43 -27.59 1.96 16.84
N VAL B 44 -26.61 2.79 17.17
CA VAL B 44 -26.81 3.85 18.15
C VAL B 44 -27.25 5.12 17.46
N GLY B 45 -26.71 5.38 16.27
CA GLY B 45 -27.10 6.58 15.53
C GLY B 45 -26.25 7.82 15.69
N GLU B 46 -25.32 7.80 16.63
CA GLU B 46 -24.44 8.95 16.84
C GLU B 46 -23.11 8.49 17.43
N TYR B 47 -22.14 9.39 17.46
CA TYR B 47 -20.85 9.06 18.03
C TYR B 47 -20.96 8.96 19.54
N ARG B 48 -20.19 8.06 20.12
CA ARG B 48 -20.15 7.85 21.57
C ARG B 48 -18.69 7.68 21.99
N ALA B 49 -18.28 8.45 22.99
CA ALA B 49 -16.90 8.35 23.48
C ALA B 49 -16.77 6.99 24.17
N VAL B 50 -15.66 6.29 23.94
CA VAL B 50 -15.44 5.00 24.58
C VAL B 50 -14.59 5.19 25.84
N THR B 51 -13.77 6.24 25.83
CA THR B 51 -12.93 6.58 26.98
C THR B 51 -12.88 8.10 27.03
N GLU B 52 -12.41 8.65 28.14
CA GLU B 52 -12.33 10.11 28.29
C GLU B 52 -11.58 10.78 27.14
N LEU B 53 -10.55 10.10 26.64
CA LEU B 53 -9.73 10.63 25.57
C LEU B 53 -10.57 11.01 24.34
N GLY B 54 -11.67 10.28 24.11
CA GLY B 54 -12.50 10.55 22.94
C GLY B 54 -13.68 11.49 23.13
N ARG B 55 -13.99 11.85 24.37
CA ARG B 55 -15.12 12.73 24.61
C ARG B 55 -15.20 13.96 23.70
N PRO B 56 -14.08 14.69 23.53
CA PRO B 56 -14.10 15.88 22.67
C PRO B 56 -14.55 15.58 21.23
N ASP B 57 -14.10 14.47 20.68
CA ASP B 57 -14.47 14.11 19.31
C ASP B 57 -15.93 13.71 19.18
N ALA B 58 -16.43 12.91 20.11
CA ALA B 58 -17.83 12.52 20.06
C ALA B 58 -18.69 13.78 20.04
N GLU B 59 -18.37 14.72 20.93
CA GLU B 59 -19.12 15.96 21.03
C GLU B 59 -18.99 16.82 19.78
N TYR B 60 -17.78 16.95 19.27
CA TYR B 60 -17.54 17.77 18.10
C TYR B 60 -18.12 17.18 16.81
N TRP B 61 -18.00 15.87 16.65
CA TRP B 61 -18.53 15.23 15.47
C TRP B 61 -20.05 15.16 15.46
N ASN B 62 -20.65 14.99 16.64
CA ASN B 62 -22.10 14.94 16.73
C ASN B 62 -22.72 16.32 16.45
N SER B 63 -21.91 17.37 16.54
CA SER B 63 -22.41 18.70 16.28
C SER B 63 -22.39 19.03 14.78
N GLN B 64 -21.84 18.12 13.98
CA GLN B 64 -21.76 18.32 12.53
C GLN B 64 -22.84 17.50 11.81
N LYS B 65 -23.96 18.15 11.51
CA LYS B 65 -25.08 17.47 10.86
C LYS B 65 -24.77 16.74 9.57
N ASP B 66 -23.95 17.34 8.71
CA ASP B 66 -23.60 16.69 7.45
C ASP B 66 -22.88 15.38 7.70
N LEU B 67 -21.98 15.37 8.69
CA LEU B 67 -21.22 14.18 9.03
C LEU B 67 -22.14 13.08 9.55
N LEU B 68 -22.97 13.42 10.52
CA LEU B 68 -23.89 12.46 11.10
C LEU B 68 -24.83 11.90 10.03
N GLU B 69 -25.31 12.76 9.14
CA GLU B 69 -26.21 12.31 8.08
C GLU B 69 -25.48 11.29 7.18
N GLN B 70 -24.23 11.59 6.84
CA GLN B 70 -23.46 10.69 6.00
C GLN B 70 -23.24 9.38 6.75
N ARG B 71 -22.78 9.47 7.99
CA ARG B 71 -22.56 8.26 8.78
C ARG B 71 -23.85 7.44 8.89
N ARG B 72 -24.98 8.12 9.07
CA ARG B 72 -26.26 7.41 9.20
C ARG B 72 -26.71 6.68 7.94
N ALA B 73 -26.28 7.14 6.77
CA ALA B 73 -26.69 6.48 5.54
C ALA B 73 -25.63 5.53 4.97
N ALA B 74 -24.43 5.53 5.56
CA ALA B 74 -23.32 4.68 5.08
C ALA B 74 -23.66 3.20 5.04
N VAL B 75 -24.57 2.78 5.92
CA VAL B 75 -24.95 1.38 5.96
C VAL B 75 -25.49 1.00 4.56
N ASP B 76 -26.03 1.97 3.84
CA ASP B 76 -26.53 1.72 2.48
C ASP B 76 -25.48 2.10 1.42
N THR B 77 -25.05 3.35 1.45
CA THR B 77 -24.10 3.88 0.47
C THR B 77 -22.69 3.31 0.54
N TYR B 78 -22.31 2.81 1.72
CA TYR B 78 -20.98 2.27 1.93
C TYR B 78 -20.98 0.75 2.04
N CYS B 79 -21.59 0.24 3.11
CA CYS B 79 -21.65 -1.19 3.37
C CYS B 79 -22.36 -2.02 2.29
N ARG B 80 -23.66 -1.80 2.09
CA ARG B 80 -24.40 -2.56 1.07
C ARG B 80 -23.78 -2.33 -0.30
N HIS B 81 -23.24 -1.14 -0.54
CA HIS B 81 -22.64 -0.88 -1.84
C HIS B 81 -21.41 -1.77 -2.08
N ASN B 82 -20.40 -1.66 -1.22
CA ASN B 82 -19.18 -2.44 -1.37
C ASN B 82 -19.46 -3.95 -1.32
N TYR B 83 -20.56 -4.34 -0.69
CA TYR B 83 -20.88 -5.76 -0.63
C TYR B 83 -21.31 -6.22 -2.02
N GLY B 84 -22.14 -5.40 -2.67
CA GLY B 84 -22.60 -5.72 -4.00
C GLY B 84 -21.42 -5.80 -4.95
N VAL B 85 -20.47 -4.90 -4.77
CA VAL B 85 -19.28 -4.87 -5.63
C VAL B 85 -18.36 -6.07 -5.43
N GLY B 86 -18.10 -6.46 -4.18
CA GLY B 86 -17.19 -7.56 -3.94
C GLY B 86 -17.78 -8.95 -3.80
N GLU B 87 -19.11 -9.01 -3.75
CA GLU B 87 -19.81 -10.27 -3.59
C GLU B 87 -19.35 -11.43 -4.48
N SER B 88 -19.19 -11.17 -5.78
CA SER B 88 -18.79 -12.22 -6.71
C SER B 88 -17.44 -12.88 -6.43
N PHE B 89 -16.44 -12.12 -5.95
CA PHE B 89 -15.14 -12.73 -5.68
C PHE B 89 -14.76 -12.90 -4.21
N THR B 90 -15.72 -12.71 -3.31
CA THR B 90 -15.45 -12.86 -1.88
C THR B 90 -16.46 -13.81 -1.25
N VAL B 91 -17.68 -13.31 -1.07
CA VAL B 91 -18.76 -14.11 -0.49
C VAL B 91 -18.96 -15.41 -1.29
N GLN B 92 -18.79 -15.33 -2.60
CA GLN B 92 -18.99 -16.48 -3.46
C GLN B 92 -17.73 -17.25 -3.86
N ARG B 93 -16.57 -16.76 -3.42
CA ARG B 93 -15.32 -17.44 -3.73
C ARG B 93 -15.34 -18.84 -3.15
N ARG B 94 -15.02 -19.83 -3.97
CA ARG B 94 -15.00 -21.20 -3.50
C ARG B 94 -13.85 -22.02 -4.05
N VAL B 95 -13.08 -22.59 -3.14
CA VAL B 95 -11.94 -23.43 -3.51
C VAL B 95 -12.05 -24.70 -2.68
N GLU B 96 -12.15 -25.84 -3.37
CA GLU B 96 -12.30 -27.15 -2.74
C GLU B 96 -11.07 -27.56 -1.96
N PRO B 97 -11.27 -28.22 -0.81
CA PRO B 97 -10.17 -28.68 0.03
C PRO B 97 -9.48 -29.95 -0.47
N LYS B 98 -8.20 -30.04 -0.16
CA LYS B 98 -7.41 -31.22 -0.50
C LYS B 98 -7.52 -32.08 0.76
N VAL B 99 -8.03 -33.31 0.63
CA VAL B 99 -8.18 -34.19 1.79
C VAL B 99 -7.34 -35.46 1.69
N THR B 100 -6.54 -35.72 2.72
CA THR B 100 -5.71 -36.93 2.75
C THR B 100 -5.65 -37.49 4.18
N VAL B 101 -5.66 -38.81 4.30
CA VAL B 101 -5.61 -39.47 5.60
C VAL B 101 -4.37 -40.34 5.76
N TYR B 102 -3.67 -40.18 6.88
CA TYR B 102 -2.47 -40.96 7.17
C TYR B 102 -2.20 -40.99 8.67
N PRO B 103 -1.52 -42.04 9.16
CA PRO B 103 -1.25 -42.10 10.60
C PRO B 103 -0.23 -41.05 11.03
N SER B 104 -0.35 -40.62 12.28
CA SER B 104 0.54 -39.62 12.84
C SER B 104 1.94 -40.17 13.07
N LYS B 105 2.95 -39.31 12.91
CA LYS B 105 4.33 -39.71 13.10
C LYS B 105 4.57 -39.88 14.60
N THR B 106 3.57 -39.50 15.39
CA THR B 106 3.66 -39.61 16.84
C THR B 106 3.40 -41.03 17.34
N GLN B 107 2.13 -41.38 17.50
CA GLN B 107 1.76 -42.71 17.97
C GLN B 107 2.39 -43.02 19.33
N PRO B 108 2.06 -42.22 20.36
CA PRO B 108 2.62 -42.45 21.69
C PRO B 108 2.27 -43.82 22.29
N LEU B 109 1.11 -43.92 22.94
CA LEU B 109 0.69 -45.17 23.56
C LEU B 109 0.58 -46.33 22.56
N GLN B 110 1.52 -47.26 22.69
CA GLN B 110 1.63 -48.46 21.84
C GLN B 110 0.37 -48.92 21.10
N HIS B 111 -0.24 -50.00 21.59
CA HIS B 111 -1.45 -50.56 20.96
C HIS B 111 -2.55 -49.53 20.73
N HIS B 112 -2.27 -48.57 19.87
CA HIS B 112 -3.18 -47.49 19.51
C HIS B 112 -2.67 -46.89 18.21
N ASN B 113 -3.57 -46.38 17.39
CA ASN B 113 -3.16 -45.77 16.14
C ASN B 113 -3.83 -44.40 16.01
N LEU B 114 -3.02 -43.35 16.12
CA LEU B 114 -3.52 -41.98 16.01
C LEU B 114 -3.60 -41.62 14.54
N LEU B 115 -4.81 -41.37 14.04
CA LEU B 115 -5.02 -41.00 12.64
C LEU B 115 -5.07 -39.49 12.42
N VAL B 116 -4.58 -39.06 11.27
CA VAL B 116 -4.56 -37.64 10.93
C VAL B 116 -5.34 -37.36 9.66
N CYS B 117 -6.37 -36.53 9.75
CA CYS B 117 -7.13 -36.16 8.56
C CYS B 117 -6.70 -34.75 8.22
N SER B 118 -5.94 -34.61 7.14
CA SER B 118 -5.44 -33.32 6.69
C SER B 118 -6.36 -32.72 5.63
N VAL B 119 -6.84 -31.50 5.89
CA VAL B 119 -7.73 -30.78 4.99
C VAL B 119 -7.09 -29.42 4.77
N SER B 120 -6.70 -29.11 3.54
CA SER B 120 -6.02 -27.85 3.25
C SER B 120 -6.36 -27.21 1.91
N GLY B 121 -5.88 -25.97 1.75
CA GLY B 121 -6.09 -25.21 0.53
C GLY B 121 -7.52 -24.81 0.22
N PHE B 122 -8.40 -24.81 1.22
CA PHE B 122 -9.79 -24.47 0.98
C PHE B 122 -10.26 -23.06 1.33
N TYR B 123 -11.43 -22.72 0.80
CA TYR B 123 -12.06 -21.42 1.04
C TYR B 123 -13.53 -21.52 0.64
N PRO B 124 -14.43 -20.93 1.44
CA PRO B 124 -14.20 -20.17 2.68
C PRO B 124 -13.74 -21.04 3.86
N GLY B 125 -13.64 -20.40 5.03
CA GLY B 125 -13.18 -21.09 6.23
C GLY B 125 -14.21 -22.00 6.86
N SER B 126 -15.48 -21.76 6.57
CA SER B 126 -16.54 -22.58 7.12
C SER B 126 -16.37 -24.01 6.62
N ILE B 127 -16.27 -24.97 7.53
CA ILE B 127 -16.08 -26.36 7.14
C ILE B 127 -16.40 -27.31 8.30
N GLU B 128 -16.85 -28.51 7.96
CA GLU B 128 -17.16 -29.52 8.97
C GLU B 128 -16.40 -30.81 8.70
N VAL B 129 -15.54 -31.19 9.65
CA VAL B 129 -14.74 -32.40 9.55
C VAL B 129 -15.16 -33.38 10.64
N ARG B 130 -15.60 -34.57 10.23
CA ARG B 130 -16.03 -35.58 11.18
C ARG B 130 -15.37 -36.93 10.92
N TRP B 131 -15.20 -37.72 11.97
CA TRP B 131 -14.61 -39.05 11.86
C TRP B 131 -15.69 -40.09 12.11
N PHE B 132 -15.61 -41.22 11.42
CA PHE B 132 -16.58 -42.30 11.59
C PHE B 132 -15.89 -43.64 11.66
N ARG B 133 -16.38 -44.51 12.53
CA ARG B 133 -15.83 -45.84 12.68
C ARG B 133 -16.90 -46.83 12.24
N ASN B 134 -16.77 -47.32 11.01
CA ASN B 134 -17.73 -48.27 10.46
C ASN B 134 -19.12 -47.65 10.30
N GLY B 135 -19.17 -46.43 9.78
CA GLY B 135 -20.46 -45.78 9.54
C GLY B 135 -21.09 -45.01 10.68
N GLN B 136 -20.52 -45.09 11.87
CA GLN B 136 -21.07 -44.36 13.01
C GLN B 136 -20.06 -43.32 13.49
N GLU B 137 -20.53 -42.10 13.69
CA GLU B 137 -19.67 -41.00 14.11
C GLU B 137 -18.94 -41.23 15.43
N GLU B 138 -17.71 -40.72 15.49
CA GLU B 138 -16.87 -40.82 16.68
C GLU B 138 -16.99 -39.53 17.47
N LYS B 139 -17.23 -39.63 18.77
CA LYS B 139 -17.34 -38.44 19.60
C LYS B 139 -16.06 -38.17 20.37
N ALA B 140 -15.55 -39.20 21.05
CA ALA B 140 -14.33 -39.07 21.83
C ALA B 140 -13.10 -39.43 21.01
N GLY B 141 -11.93 -39.04 21.52
CA GLY B 141 -10.68 -39.34 20.83
C GLY B 141 -10.36 -38.35 19.72
N VAL B 142 -11.38 -37.62 19.29
CA VAL B 142 -11.20 -36.63 18.23
C VAL B 142 -10.55 -35.36 18.75
N VAL B 143 -9.56 -34.86 18.01
CA VAL B 143 -8.85 -33.64 18.41
C VAL B 143 -8.41 -32.85 17.18
N SER B 144 -8.64 -31.55 17.22
CA SER B 144 -8.28 -30.68 16.10
C SER B 144 -7.26 -29.60 16.47
N THR B 145 -6.48 -29.18 15.47
CA THR B 145 -5.49 -28.13 15.67
C THR B 145 -6.18 -26.80 15.44
N GLY B 146 -7.45 -26.86 15.07
CA GLY B 146 -8.21 -25.64 14.81
C GLY B 146 -8.07 -25.20 13.37
N LEU B 147 -8.82 -24.17 13.00
CA LEU B 147 -8.80 -23.62 11.65
C LEU B 147 -7.63 -22.65 11.50
N ILE B 148 -6.77 -22.90 10.52
CA ILE B 148 -5.62 -22.04 10.29
C ILE B 148 -5.84 -21.16 9.05
N GLN B 149 -5.77 -19.85 9.22
CA GLN B 149 -5.95 -18.92 8.11
C GLN B 149 -4.57 -18.60 7.58
N ASN B 150 -4.30 -19.00 6.34
CA ASN B 150 -2.97 -18.79 5.76
C ASN B 150 -2.61 -17.38 5.28
N GLY B 151 -3.59 -16.49 5.24
CA GLY B 151 -3.34 -15.13 4.82
C GLY B 151 -3.35 -14.95 3.32
N ASP B 152 -3.64 -16.02 2.60
CA ASP B 152 -3.67 -15.94 1.14
C ASP B 152 -5.02 -16.45 0.61
N TRP B 153 -6.07 -16.22 1.38
CA TRP B 153 -7.41 -16.67 1.01
C TRP B 153 -7.46 -18.19 0.96
N THR B 154 -6.79 -18.81 1.91
CA THR B 154 -6.74 -20.26 2.01
C THR B 154 -6.73 -20.68 3.46
N PHE B 155 -7.32 -21.83 3.74
CA PHE B 155 -7.37 -22.34 5.10
C PHE B 155 -6.85 -23.79 5.15
N GLN B 156 -6.57 -24.26 6.37
CA GLN B 156 -6.11 -25.61 6.57
C GLN B 156 -6.40 -26.03 8.01
N THR B 157 -6.44 -27.33 8.24
CA THR B 157 -6.70 -27.85 9.57
C THR B 157 -6.40 -29.34 9.61
N LEU B 158 -6.08 -29.83 10.80
CA LEU B 158 -5.79 -31.24 11.00
C LEU B 158 -6.71 -31.74 12.09
N VAL B 159 -7.38 -32.86 11.84
CA VAL B 159 -8.28 -33.44 12.82
C VAL B 159 -7.88 -34.88 13.12
N MET B 160 -7.20 -35.06 14.26
CA MET B 160 -6.74 -36.38 14.68
C MET B 160 -7.82 -37.23 15.33
N LEU B 161 -7.59 -38.53 15.32
CA LEU B 161 -8.52 -39.50 15.90
C LEU B 161 -7.75 -40.66 16.52
N GLU B 162 -7.81 -40.78 17.84
CA GLU B 162 -7.13 -41.86 18.54
C GLU B 162 -7.97 -43.13 18.38
N THR B 163 -7.34 -44.21 17.96
CA THR B 163 -8.08 -45.46 17.74
C THR B 163 -7.36 -46.70 18.26
N VAL B 164 -8.14 -47.77 18.39
CA VAL B 164 -7.66 -49.08 18.82
C VAL B 164 -8.03 -49.91 17.59
N PRO B 165 -7.17 -49.86 16.55
CA PRO B 165 -7.32 -50.56 15.29
C PRO B 165 -7.55 -52.06 15.35
N ARG B 166 -8.53 -52.52 14.59
CA ARG B 166 -8.89 -53.93 14.50
C ARG B 166 -9.04 -54.26 13.01
N SER B 167 -8.30 -55.27 12.55
CA SER B 167 -8.35 -55.69 11.16
C SER B 167 -9.78 -55.71 10.65
N GLY B 168 -10.02 -55.02 9.52
CA GLY B 168 -11.36 -54.99 8.96
C GLY B 168 -12.13 -53.70 9.15
N GLU B 169 -11.78 -52.94 10.19
CA GLU B 169 -12.48 -51.69 10.47
C GLU B 169 -12.19 -50.63 9.41
N VAL B 170 -13.18 -49.77 9.19
CA VAL B 170 -13.07 -48.69 8.22
C VAL B 170 -13.31 -47.34 8.89
N TYR B 171 -12.24 -46.61 9.15
CA TYR B 171 -12.31 -45.29 9.76
C TYR B 171 -12.39 -44.23 8.67
N THR B 172 -13.53 -43.55 8.58
CA THR B 172 -13.74 -42.53 7.56
C THR B 172 -13.66 -41.10 8.07
N CYS B 173 -13.05 -40.23 7.25
CA CYS B 173 -12.96 -38.82 7.58
C CYS B 173 -13.95 -38.15 6.62
N GLN B 174 -14.90 -37.43 7.16
CA GLN B 174 -15.90 -36.76 6.32
C GLN B 174 -15.76 -35.26 6.36
N VAL B 175 -15.80 -34.64 5.19
CA VAL B 175 -15.66 -33.20 5.08
C VAL B 175 -16.80 -32.58 4.29
N GLU B 176 -17.51 -31.66 4.94
CA GLU B 176 -18.60 -30.94 4.30
C GLU B 176 -18.12 -29.50 4.15
N HIS B 177 -18.23 -28.97 2.95
CA HIS B 177 -17.76 -27.62 2.67
C HIS B 177 -18.61 -27.01 1.56
N PRO B 178 -18.78 -25.68 1.57
CA PRO B 178 -19.58 -24.98 0.56
C PRO B 178 -19.11 -25.21 -0.88
N SER B 179 -17.88 -25.68 -1.04
CA SER B 179 -17.35 -25.92 -2.38
C SER B 179 -17.89 -27.20 -3.04
N VAL B 180 -18.52 -28.07 -2.26
CA VAL B 180 -19.06 -29.30 -2.82
C VAL B 180 -20.48 -29.61 -2.39
N THR B 181 -21.28 -30.09 -3.35
CA THR B 181 -22.68 -30.44 -3.14
C THR B 181 -22.87 -31.64 -2.22
N SER B 182 -21.91 -32.55 -2.21
CA SER B 182 -22.00 -33.72 -1.33
C SER B 182 -20.69 -33.84 -0.58
N PRO B 183 -20.72 -34.43 0.64
CA PRO B 183 -19.51 -34.58 1.46
C PRO B 183 -18.37 -35.41 0.86
N LEU B 184 -17.15 -34.98 1.19
CA LEU B 184 -15.94 -35.66 0.74
C LEU B 184 -15.56 -36.66 1.82
N THR B 185 -15.13 -37.85 1.41
CA THR B 185 -14.73 -38.89 2.35
C THR B 185 -13.43 -39.58 1.94
N VAL B 186 -12.59 -39.84 2.94
CA VAL B 186 -11.32 -40.51 2.73
C VAL B 186 -11.22 -41.56 3.82
N GLU B 187 -11.14 -42.83 3.42
CA GLU B 187 -11.10 -43.93 4.36
C GLU B 187 -9.75 -44.49 4.73
N TRP B 188 -9.66 -44.98 5.97
CA TRP B 188 -8.45 -45.62 6.46
C TRP B 188 -8.85 -47.05 6.73
N ARG B 189 -8.24 -48.00 6.03
CA ARG B 189 -8.54 -49.41 6.22
C ARG B 189 -7.60 -50.04 7.23
N ALA B 190 -8.10 -50.32 8.42
CA ALA B 190 -7.30 -50.91 9.47
C ALA B 190 -7.15 -52.40 9.32
N PRO C 1 -17.06 -2.03 -11.43
CA PRO C 1 -17.61 -1.65 -10.11
C PRO C 1 -16.50 -1.09 -9.24
N GLU C 2 -16.79 0.01 -8.55
CA GLU C 2 -15.79 0.65 -7.69
C GLU C 2 -16.05 0.46 -6.19
N VAL C 3 -15.00 0.11 -5.46
CA VAL C 3 -15.11 -0.04 -4.00
C VAL C 3 -15.01 1.39 -3.46
N ILE C 4 -16.00 1.82 -2.68
CA ILE C 4 -16.02 3.17 -2.12
C ILE C 4 -15.58 3.23 -0.67
N PRO C 5 -14.67 4.16 -0.36
CA PRO C 5 -14.16 4.32 1.00
C PRO C 5 -14.96 5.31 1.83
N MET C 6 -14.84 5.18 3.14
CA MET C 6 -15.45 6.11 4.09
C MET C 6 -14.32 7.13 4.29
N PHE C 7 -14.67 8.41 4.41
CA PHE C 7 -13.63 9.42 4.59
C PHE C 7 -13.46 9.82 6.05
N SER C 8 -12.21 9.98 6.46
CA SER C 8 -11.86 10.35 7.82
C SER C 8 -12.40 11.72 8.22
N ALA C 9 -12.86 11.82 9.46
CA ALA C 9 -13.35 13.09 9.97
C ALA C 9 -12.23 13.70 10.81
N LEU C 10 -12.00 15.00 10.64
CA LEU C 10 -10.96 15.71 11.39
C LEU C 10 -11.41 16.04 12.81
N SER C 11 -10.52 15.84 13.78
CA SER C 11 -10.82 16.20 15.17
C SER C 11 -10.76 17.72 15.23
N GLU C 12 -11.36 18.33 16.26
CA GLU C 12 -11.31 19.78 16.36
C GLU C 12 -9.90 20.15 16.83
N GLY C 13 -9.33 21.15 16.17
CA GLY C 13 -7.98 21.56 16.50
C GLY C 13 -7.06 21.10 15.38
N ALA C 14 -7.43 19.98 14.76
CA ALA C 14 -6.67 19.42 13.66
C ALA C 14 -7.13 20.17 12.41
N THR C 15 -8.34 20.74 12.50
CA THR C 15 -8.95 21.51 11.42
C THR C 15 -8.27 22.86 11.24
N GLU D 1 25.27 1.86 -19.06
CA GLU D 1 24.98 2.69 -20.26
C GLU D 1 23.86 3.69 -19.97
N SER D 2 23.31 4.28 -21.02
CA SER D 2 22.23 5.25 -20.88
C SER D 2 20.90 4.70 -21.39
N GLN D 3 19.83 5.41 -21.07
CA GLN D 3 18.48 5.02 -21.49
C GLN D 3 18.30 5.03 -23.00
N PRO D 4 17.88 3.88 -23.57
CA PRO D 4 17.64 3.72 -25.02
C PRO D 4 16.59 4.70 -25.54
N ASP D 5 16.86 5.31 -26.68
CA ASP D 5 15.89 6.25 -27.25
C ASP D 5 14.59 5.54 -27.54
N PRO D 6 13.48 6.29 -27.57
CA PRO D 6 12.16 5.71 -27.84
C PRO D 6 11.88 5.33 -29.27
N MET D 7 11.10 4.26 -29.43
CA MET D 7 10.66 3.81 -30.73
C MET D 7 9.25 4.38 -30.82
N PRO D 8 8.77 4.67 -32.04
CA PRO D 8 7.41 5.23 -32.16
C PRO D 8 6.37 4.58 -31.26
N ASP D 9 6.50 3.27 -31.03
CA ASP D 9 5.56 2.54 -30.19
C ASP D 9 5.75 2.86 -28.71
N ASP D 10 6.94 3.33 -28.36
CA ASP D 10 7.26 3.67 -26.98
C ASP D 10 6.63 4.99 -26.53
N LEU D 11 6.18 5.80 -27.48
CA LEU D 11 5.63 7.12 -27.17
C LEU D 11 4.12 7.28 -27.14
N HIS D 12 3.64 8.13 -26.24
CA HIS D 12 2.21 8.41 -26.11
C HIS D 12 1.78 9.24 -27.33
N LYS D 13 0.58 8.96 -27.83
CA LYS D 13 0.05 9.70 -28.97
C LYS D 13 -1.07 10.59 -28.47
N SER D 14 -1.00 11.88 -28.78
CA SER D 14 -2.04 12.79 -28.33
C SER D 14 -3.38 12.37 -28.93
N SER D 15 -3.33 11.72 -30.09
CA SER D 15 -4.56 11.28 -30.74
C SER D 15 -5.27 10.22 -29.92
N GLU D 16 -4.53 9.54 -29.05
CA GLU D 16 -5.13 8.49 -28.21
C GLU D 16 -5.55 9.05 -26.85
N PHE D 17 -5.34 10.35 -26.66
CA PHE D 17 -5.73 11.01 -25.42
C PHE D 17 -6.95 11.83 -25.75
N THR D 18 -8.06 11.58 -25.06
CA THR D 18 -9.30 12.30 -25.33
C THR D 18 -9.72 13.24 -24.20
N GLY D 19 -8.79 13.53 -23.30
CA GLY D 19 -9.10 14.42 -22.21
C GLY D 19 -8.85 15.84 -22.67
N THR D 20 -8.61 16.75 -21.73
CA THR D 20 -8.35 18.14 -22.04
C THR D 20 -6.86 18.43 -21.95
N MET D 21 -6.22 18.65 -23.09
CA MET D 21 -4.79 18.91 -23.14
C MET D 21 -4.46 20.14 -22.29
N GLY D 22 -5.45 20.97 -22.01
CA GLY D 22 -5.22 22.16 -21.23
C GLY D 22 -4.70 21.80 -19.84
N ASN D 23 -5.00 20.60 -19.38
CA ASN D 23 -4.54 20.18 -18.06
C ASN D 23 -3.08 19.78 -18.07
N MET D 24 -2.50 19.62 -19.27
CA MET D 24 -1.09 19.31 -19.41
C MET D 24 -0.41 20.67 -19.58
N LYS D 25 -0.99 21.51 -20.43
CA LYS D 25 -0.47 22.85 -20.68
C LYS D 25 -0.31 23.60 -19.36
N TYR D 26 -1.30 23.43 -18.48
CA TYR D 26 -1.32 24.06 -17.18
C TYR D 26 -0.03 23.83 -16.38
N LEU D 27 0.54 22.64 -16.50
CA LEU D 27 1.75 22.29 -15.75
C LEU D 27 3.02 22.98 -16.23
N TYR D 28 3.00 23.49 -17.45
CA TYR D 28 4.21 24.11 -17.98
C TYR D 28 4.12 25.54 -18.46
N ASP D 29 2.91 26.10 -18.50
CA ASP D 29 2.73 27.47 -18.98
C ASP D 29 2.87 28.48 -17.85
N ASP D 30 4.06 29.06 -17.73
CA ASP D 30 4.34 30.05 -16.69
C ASP D 30 3.79 29.52 -15.37
N HIS D 31 4.18 28.29 -15.08
CA HIS D 31 3.74 27.58 -13.91
C HIS D 31 4.95 26.89 -13.29
N TYR D 32 5.26 27.21 -12.04
CA TYR D 32 6.38 26.60 -11.34
C TYR D 32 6.58 27.13 -9.93
N VAL D 33 7.24 26.33 -9.10
CA VAL D 33 7.56 26.70 -7.73
C VAL D 33 9.03 27.07 -7.77
N SER D 34 9.39 28.16 -7.11
CA SER D 34 10.78 28.58 -7.07
C SER D 34 11.12 29.19 -5.70
N ALA D 35 12.19 28.70 -5.09
CA ALA D 35 12.62 29.20 -3.80
C ALA D 35 14.13 29.09 -3.72
N THR D 36 14.74 30.07 -3.06
CA THR D 36 16.18 30.11 -2.92
C THR D 36 16.63 30.15 -1.46
N LYS D 37 17.61 29.31 -1.15
CA LYS D 37 18.16 29.23 0.20
C LYS D 37 17.08 28.99 1.26
N VAL D 38 16.57 27.76 1.29
CA VAL D 38 15.55 27.36 2.25
C VAL D 38 15.88 25.96 2.76
N LYS D 39 15.28 25.58 3.88
CA LYS D 39 15.51 24.27 4.48
C LYS D 39 14.15 23.64 4.80
N SER D 40 14.03 22.32 4.64
CA SER D 40 12.77 21.66 4.92
C SER D 40 12.36 21.86 6.38
N VAL D 41 11.05 21.88 6.64
CA VAL D 41 10.58 22.09 8.00
C VAL D 41 9.69 20.95 8.50
N ASP D 42 9.40 19.98 7.64
CA ASP D 42 8.56 18.86 8.03
C ASP D 42 8.66 17.79 6.96
N SER D 43 7.90 16.72 7.15
CA SER D 43 7.89 15.62 6.20
C SER D 43 6.65 14.80 6.46
N PHE D 44 5.91 14.47 5.40
CA PHE D 44 4.69 13.69 5.55
C PHE D 44 5.07 12.22 5.62
N PHE D 45 5.62 11.71 4.52
CA PHE D 45 6.08 10.34 4.48
C PHE D 45 7.60 10.43 4.41
N LYS D 46 8.30 9.37 4.80
CA LYS D 46 9.74 9.39 4.83
C LYS D 46 10.46 9.72 3.52
N TRP D 47 9.76 9.66 2.40
CA TRP D 47 10.42 9.98 1.13
C TRP D 47 10.13 11.38 0.62
N ASP D 48 9.47 12.21 1.41
CA ASP D 48 9.20 13.56 0.95
C ASP D 48 9.66 14.60 1.94
N LEU D 49 9.75 15.84 1.48
CA LEU D 49 10.16 16.95 2.33
C LEU D 49 9.17 18.08 2.13
N ILE D 50 8.91 18.85 3.18
CA ILE D 50 7.97 19.96 3.11
C ILE D 50 8.68 21.28 3.40
N TYR D 51 8.41 22.30 2.58
CA TYR D 51 9.03 23.59 2.76
C TYR D 51 8.03 24.71 2.98
N ASN D 52 8.49 25.81 3.55
CA ASN D 52 7.66 26.99 3.76
C ASN D 52 7.99 27.91 2.59
N ILE D 53 7.28 27.73 1.48
CA ILE D 53 7.48 28.55 0.28
C ILE D 53 6.15 29.18 -0.08
N SER D 54 6.13 30.51 -0.13
CA SER D 54 4.90 31.23 -0.45
C SER D 54 4.72 31.53 -1.92
N ASP D 55 3.46 31.64 -2.33
CA ASP D 55 3.09 31.93 -3.71
C ASP D 55 3.18 33.44 -3.91
N LYS D 56 4.35 33.92 -4.31
CA LYS D 56 4.55 35.34 -4.53
C LYS D 56 3.50 35.86 -5.51
N LYS D 57 3.22 35.04 -6.53
CA LYS D 57 2.25 35.37 -7.58
C LYS D 57 0.84 35.65 -7.05
N LEU D 58 0.01 34.61 -6.96
CA LEU D 58 -1.38 34.74 -6.53
C LEU D 58 -1.70 34.30 -5.10
N LYS D 59 -0.68 34.12 -4.25
CA LYS D 59 -0.90 33.70 -2.87
C LYS D 59 -1.77 32.44 -2.79
N ASN D 60 -1.42 31.41 -3.56
CA ASN D 60 -2.18 30.16 -3.57
C ASN D 60 -1.66 29.10 -2.62
N TYR D 61 -0.55 29.38 -1.95
CA TYR D 61 0.03 28.40 -1.03
C TYR D 61 1.21 28.99 -0.27
N ASP D 62 1.51 28.40 0.89
CA ASP D 62 2.64 28.84 1.69
C ASP D 62 3.39 27.61 2.20
N LYS D 63 2.90 26.44 1.83
CA LYS D 63 3.50 25.15 2.20
C LYS D 63 3.62 24.31 0.92
N VAL D 64 4.79 23.73 0.69
CA VAL D 64 4.99 22.90 -0.50
C VAL D 64 5.60 21.56 -0.12
N LYS D 65 4.98 20.49 -0.57
CA LYS D 65 5.51 19.15 -0.31
C LYS D 65 6.13 18.61 -1.59
N THR D 66 7.37 18.17 -1.51
CA THR D 66 8.00 17.61 -2.70
C THR D 66 8.30 16.13 -2.40
N GLU D 67 7.89 15.25 -3.31
CA GLU D 67 8.13 13.83 -3.12
C GLU D 67 9.33 13.34 -3.91
N LEU D 68 10.12 12.46 -3.28
CA LEU D 68 11.32 11.93 -3.90
C LEU D 68 11.21 10.43 -4.14
N LEU D 69 12.12 9.88 -4.95
CA LEU D 69 12.12 8.46 -5.30
C LEU D 69 12.29 7.52 -4.10
N ASN D 70 12.91 7.98 -3.03
CA ASN D 70 13.12 7.13 -1.86
C ASN D 70 13.59 7.90 -0.63
N GLU D 71 13.63 7.19 0.49
CA GLU D 71 14.04 7.77 1.76
C GLU D 71 15.45 8.36 1.76
N ASP D 72 16.41 7.64 1.20
CA ASP D 72 17.78 8.13 1.17
C ASP D 72 17.85 9.50 0.53
N LEU D 73 17.11 9.66 -0.56
CA LEU D 73 17.09 10.91 -1.28
C LEU D 73 16.51 12.00 -0.37
N ALA D 74 15.47 11.66 0.39
CA ALA D 74 14.85 12.63 1.29
C ALA D 74 15.78 12.90 2.48
N LYS D 75 16.46 11.85 2.93
CA LYS D 75 17.40 12.00 4.05
C LYS D 75 18.55 12.89 3.64
N LYS D 76 19.01 12.71 2.40
CA LYS D 76 20.12 13.50 1.90
C LYS D 76 19.87 15.02 1.99
N TYR D 77 18.68 15.47 1.59
CA TYR D 77 18.40 16.90 1.62
C TYR D 77 17.63 17.42 2.83
N LYS D 78 17.18 16.54 3.70
CA LYS D 78 16.40 16.97 4.87
C LYS D 78 16.97 18.18 5.59
N ASP D 79 18.21 18.09 6.05
CA ASP D 79 18.79 19.21 6.78
C ASP D 79 19.76 20.06 5.99
N GLU D 80 19.46 20.28 4.71
CA GLU D 80 20.35 21.09 3.90
C GLU D 80 19.71 22.37 3.42
N VAL D 81 20.54 23.39 3.18
CA VAL D 81 20.06 24.65 2.66
C VAL D 81 19.98 24.39 1.17
N VAL D 82 18.80 24.47 0.59
CA VAL D 82 18.67 24.19 -0.82
C VAL D 82 17.90 25.22 -1.62
N ASP D 83 17.79 24.94 -2.91
CA ASP D 83 17.01 25.77 -3.83
C ASP D 83 15.95 24.81 -4.35
N VAL D 84 14.80 25.33 -4.71
CA VAL D 84 13.74 24.48 -5.24
C VAL D 84 13.20 25.03 -6.55
N TYR D 85 12.90 24.13 -7.47
CA TYR D 85 12.33 24.53 -8.75
C TYR D 85 11.64 23.30 -9.33
N GLY D 86 10.34 23.43 -9.58
CA GLY D 86 9.60 22.33 -10.14
C GLY D 86 8.18 22.73 -10.49
N SER D 87 7.46 21.79 -11.08
CA SER D 87 6.07 22.00 -11.49
C SER D 87 5.15 21.38 -10.45
N ASN D 88 4.33 22.21 -9.82
CA ASN D 88 3.42 21.77 -8.78
C ASN D 88 2.00 21.46 -9.26
N TYR D 89 1.26 20.72 -8.44
CA TYR D 89 -0.11 20.37 -8.74
C TYR D 89 -0.95 20.53 -7.48
N TYR D 90 -2.27 20.57 -7.64
CA TYR D 90 -3.18 20.71 -6.51
C TYR D 90 -4.15 19.54 -6.45
N VAL D 91 -4.62 19.10 -7.63
CA VAL D 91 -5.55 17.99 -7.72
C VAL D 91 -4.88 16.76 -7.09
N ASN D 92 -5.46 16.29 -5.99
CA ASN D 92 -4.93 15.15 -5.25
C ASN D 92 -3.59 15.45 -4.58
N CYS D 93 -3.45 16.68 -4.08
CA CYS D 93 -2.26 17.07 -3.34
C CYS D 93 -2.72 16.87 -1.91
N TYR D 94 -2.06 15.98 -1.19
CA TYR D 94 -2.46 15.71 0.19
C TYR D 94 -1.28 15.61 1.14
N PHE D 95 -1.49 16.11 2.35
CA PHE D 95 -0.52 16.04 3.43
C PHE D 95 -0.92 17.00 4.51
N SER D 96 -0.61 16.63 5.75
CA SER D 96 -0.90 17.48 6.89
C SER D 96 0.44 17.95 7.43
N SER D 97 0.43 19.06 8.15
CA SER D 97 1.66 19.58 8.71
C SER D 97 1.37 20.65 9.73
N LYS D 98 2.12 20.63 10.84
CA LYS D 98 1.94 21.62 11.88
C LYS D 98 3.21 22.46 12.02
N GLY D 106 -3.32 29.01 5.41
CA GLY D 106 -2.23 28.80 4.41
C GLY D 106 -2.48 27.65 3.45
N GLY D 107 -2.40 27.94 2.16
CA GLY D 107 -2.63 26.91 1.15
C GLY D 107 -1.47 25.95 0.98
N LYS D 108 -1.74 24.81 0.35
CA LYS D 108 -0.73 23.79 0.11
C LYS D 108 -0.63 23.49 -1.37
N THR D 109 0.53 22.97 -1.79
CA THR D 109 0.72 22.56 -3.18
C THR D 109 1.74 21.43 -3.18
N CYS D 110 1.79 20.66 -4.26
CA CYS D 110 2.69 19.51 -4.32
C CYS D 110 3.60 19.45 -5.56
N MET D 111 4.65 18.62 -5.48
CA MET D 111 5.60 18.45 -6.59
C MET D 111 6.54 17.26 -6.37
N TYR D 112 7.45 17.02 -7.29
CA TYR D 112 8.41 15.91 -7.16
C TYR D 112 9.83 16.39 -7.47
N GLY D 113 10.81 15.82 -6.77
CA GLY D 113 12.20 16.20 -7.00
C GLY D 113 12.39 17.71 -6.91
N GLY D 114 13.18 18.28 -7.81
CA GLY D 114 13.40 19.72 -7.83
C GLY D 114 14.33 20.33 -6.78
N ILE D 115 15.07 19.50 -6.07
CA ILE D 115 15.96 19.99 -5.03
C ILE D 115 17.44 19.99 -5.42
N THR D 116 18.12 21.09 -5.12
CA THR D 116 19.55 21.21 -5.38
C THR D 116 20.21 21.93 -4.20
N LYS D 117 21.37 21.44 -3.79
CA LYS D 117 22.11 22.07 -2.69
C LYS D 117 22.37 23.51 -3.11
N HIS D 118 22.23 24.45 -2.19
CA HIS D 118 22.44 25.85 -2.51
C HIS D 118 23.90 26.29 -2.41
N GLU D 119 24.64 25.71 -1.48
CA GLU D 119 26.05 26.03 -1.25
C GLU D 119 26.93 25.96 -2.50
N GLY D 120 27.45 27.11 -2.89
CA GLY D 120 28.33 27.18 -4.06
C GLY D 120 27.81 26.53 -5.32
N ASN D 121 26.55 26.80 -5.66
CA ASN D 121 25.96 26.24 -6.86
C ASN D 121 25.48 27.37 -7.76
N HIS D 122 25.80 28.60 -7.36
CA HIS D 122 25.39 29.78 -8.11
C HIS D 122 26.55 30.51 -8.78
N PHE D 123 26.22 31.47 -9.64
CA PHE D 123 27.24 32.25 -10.35
C PHE D 123 27.34 33.65 -9.76
N ASP D 124 28.55 34.06 -9.43
CA ASP D 124 28.80 35.39 -8.86
C ASP D 124 28.24 36.53 -9.70
N ASN D 125 27.38 37.33 -9.06
CA ASN D 125 26.75 38.50 -9.68
C ASN D 125 25.67 38.24 -10.73
N GLY D 126 24.56 37.66 -10.30
CA GLY D 126 23.43 37.39 -11.18
C GLY D 126 23.69 36.81 -12.56
N ASN D 127 24.84 36.18 -12.77
CA ASN D 127 25.14 35.59 -14.07
C ASN D 127 24.37 34.30 -14.27
N LEU D 128 23.62 34.21 -15.37
CA LEU D 128 22.85 33.03 -15.68
C LEU D 128 23.54 32.19 -16.75
N GLN D 129 23.33 30.88 -16.68
CA GLN D 129 23.92 29.94 -17.62
C GLN D 129 22.92 29.58 -18.72
N ASN D 130 23.33 29.76 -19.97
CA ASN D 130 22.46 29.41 -21.10
C ASN D 130 22.63 27.94 -21.41
N VAL D 131 21.55 27.30 -21.84
CA VAL D 131 21.57 25.88 -22.18
C VAL D 131 20.86 25.70 -23.51
N LEU D 132 21.56 25.04 -24.43
CA LEU D 132 21.07 24.80 -25.78
C LEU D 132 19.95 23.79 -25.90
N VAL D 133 18.90 24.19 -26.61
CA VAL D 133 17.76 23.35 -26.86
C VAL D 133 17.53 23.35 -28.37
N ARG D 134 17.57 22.19 -28.99
CA ARG D 134 17.33 22.09 -30.43
C ARG D 134 16.04 21.34 -30.65
N VAL D 135 15.12 21.96 -31.40
CA VAL D 135 13.83 21.37 -31.66
C VAL D 135 13.75 20.70 -33.03
N TYR D 136 13.27 19.46 -33.03
CA TYR D 136 13.13 18.70 -34.27
C TYR D 136 11.66 18.34 -34.52
N GLU D 137 11.19 18.66 -35.72
CA GLU D 137 9.82 18.35 -36.07
C GLU D 137 9.91 17.37 -37.24
N ASN D 138 9.57 16.11 -36.97
CA ASN D 138 9.63 15.07 -37.97
C ASN D 138 11.07 14.82 -38.40
N LYS D 139 11.94 14.69 -37.41
CA LYS D 139 13.36 14.41 -37.62
C LYS D 139 14.22 15.54 -38.17
N ARG D 140 13.65 16.72 -38.37
CA ARG D 140 14.43 17.85 -38.89
C ARG D 140 14.43 19.04 -37.93
N ASN D 141 15.62 19.54 -37.63
CA ASN D 141 15.79 20.68 -36.75
C ASN D 141 15.03 21.90 -37.31
N THR D 142 13.97 22.33 -36.64
CA THR D 142 13.17 23.46 -37.10
C THR D 142 13.58 24.78 -36.46
N ILE D 143 13.76 24.77 -35.14
CA ILE D 143 14.18 25.97 -34.42
C ILE D 143 15.14 25.56 -33.32
N SER D 144 15.97 26.49 -32.89
CA SER D 144 16.92 26.26 -31.83
C SER D 144 16.95 27.49 -30.93
N PHE D 145 17.13 27.28 -29.64
CA PHE D 145 17.17 28.38 -28.69
C PHE D 145 17.86 27.95 -27.41
N GLU D 146 17.81 28.81 -26.41
CA GLU D 146 18.41 28.51 -25.13
C GLU D 146 17.46 28.86 -23.98
N VAL D 147 17.64 28.18 -22.86
CA VAL D 147 16.86 28.46 -21.67
C VAL D 147 17.94 28.83 -20.67
N GLN D 148 17.58 29.52 -19.59
CA GLN D 148 18.60 29.91 -18.62
C GLN D 148 18.34 29.41 -17.21
N THR D 149 19.42 29.24 -16.46
CA THR D 149 19.33 28.80 -15.08
C THR D 149 20.39 29.52 -14.26
N ASP D 150 20.15 29.60 -12.95
CA ASP D 150 21.08 30.27 -12.06
C ASP D 150 21.94 29.26 -11.32
N LYS D 151 21.79 27.98 -11.68
CA LYS D 151 22.52 26.89 -11.02
C LYS D 151 23.54 26.19 -11.91
N LYS D 152 24.66 25.79 -11.31
CA LYS D 152 25.71 25.08 -12.03
C LYS D 152 25.19 23.66 -12.25
N SER D 153 24.70 23.05 -11.16
CA SER D 153 24.12 21.73 -11.22
C SER D 153 22.61 21.99 -11.07
N VAL D 154 21.87 21.83 -12.16
CA VAL D 154 20.43 22.10 -12.17
C VAL D 154 19.63 20.82 -12.42
N THR D 155 18.40 20.74 -11.91
CA THR D 155 17.61 19.54 -12.14
C THR D 155 17.13 19.56 -13.59
N ALA D 156 16.99 18.37 -14.17
CA ALA D 156 16.51 18.25 -15.53
C ALA D 156 15.10 18.83 -15.54
N GLN D 157 14.36 18.65 -14.44
CA GLN D 157 13.00 19.18 -14.34
C GLN D 157 12.94 20.67 -14.61
N GLU D 158 13.82 21.44 -13.97
CA GLU D 158 13.84 22.88 -14.20
C GLU D 158 14.04 23.20 -15.67
N LEU D 159 15.04 22.60 -16.29
CA LEU D 159 15.34 22.85 -17.70
C LEU D 159 14.16 22.43 -18.58
N ASP D 160 13.62 21.25 -18.32
CA ASP D 160 12.50 20.75 -19.08
C ASP D 160 11.34 21.75 -19.00
N ILE D 161 10.95 22.13 -17.79
CA ILE D 161 9.86 23.07 -17.61
C ILE D 161 10.05 24.35 -18.42
N LYS D 162 11.27 24.89 -18.40
CA LYS D 162 11.55 26.12 -19.13
C LYS D 162 11.49 25.95 -20.64
N ALA D 163 11.90 24.78 -21.12
CA ALA D 163 11.85 24.50 -22.55
C ALA D 163 10.41 24.47 -23.02
N ARG D 164 9.57 23.73 -22.31
CA ARG D 164 8.17 23.61 -22.68
C ARG D 164 7.42 24.94 -22.53
N ASN D 165 7.83 25.77 -21.58
CA ASN D 165 7.15 27.05 -21.42
C ASN D 165 7.35 27.82 -22.72
N PHE D 166 8.57 27.79 -23.23
CA PHE D 166 8.92 28.46 -24.47
C PHE D 166 8.15 27.89 -25.67
N LEU D 167 8.14 26.56 -25.80
CA LEU D 167 7.47 25.92 -26.92
C LEU D 167 5.96 26.09 -26.93
N ILE D 168 5.38 26.28 -25.76
CA ILE D 168 3.94 26.49 -25.65
C ILE D 168 3.58 27.84 -26.26
N ASN D 169 4.37 28.86 -25.94
CA ASN D 169 4.12 30.20 -26.45
C ASN D 169 4.47 30.36 -27.92
N LYS D 170 5.53 29.70 -28.34
CA LYS D 170 5.98 29.86 -29.71
C LYS D 170 5.69 28.76 -30.72
N LYS D 171 5.26 27.59 -30.24
CA LYS D 171 4.94 26.50 -31.14
C LYS D 171 3.61 25.84 -30.77
N ASN D 172 2.88 26.45 -29.85
CA ASN D 172 1.61 25.89 -29.41
C ASN D 172 1.77 24.42 -29.04
N LEU D 173 2.86 24.10 -28.37
CA LEU D 173 3.15 22.73 -27.94
C LEU D 173 1.89 22.08 -27.36
N TYR D 174 1.21 22.82 -26.47
CA TYR D 174 -0.02 22.33 -25.86
C TYR D 174 -1.13 23.37 -26.05
N GLU D 175 -2.34 22.91 -26.36
CA GLU D 175 -3.47 23.83 -26.51
C GLU D 175 -4.58 23.35 -25.56
N PHE D 176 -5.65 24.13 -25.42
CA PHE D 176 -6.74 23.74 -24.52
C PHE D 176 -7.21 22.32 -24.78
N ASN D 177 -7.59 22.02 -26.01
CA ASN D 177 -8.01 20.67 -26.34
C ASN D 177 -7.15 20.18 -27.51
N SER D 178 -6.30 19.20 -27.20
CA SER D 178 -5.37 18.60 -28.14
C SER D 178 -4.11 19.43 -28.39
N SER D 179 -3.22 18.88 -29.20
CA SER D 179 -1.94 19.49 -29.55
C SER D 179 -1.67 19.37 -31.04
N PRO D 180 -0.84 20.25 -31.60
CA PRO D 180 -0.51 20.20 -33.03
C PRO D 180 0.40 19.01 -33.32
N TYR D 181 0.97 18.44 -32.26
CA TYR D 181 1.89 17.31 -32.41
C TYR D 181 1.28 16.00 -31.93
N GLU D 182 1.73 14.91 -32.55
CA GLU D 182 1.24 13.57 -32.21
C GLU D 182 2.09 12.93 -31.12
N THR D 183 3.41 13.04 -31.25
CA THR D 183 4.31 12.49 -30.24
C THR D 183 5.35 13.54 -29.90
N GLY D 184 6.03 13.35 -28.78
CA GLY D 184 7.04 14.29 -28.37
C GLY D 184 7.78 13.78 -27.16
N TYR D 185 9.08 14.01 -27.14
CA TYR D 185 9.89 13.61 -26.00
C TYR D 185 11.06 14.56 -25.94
N ILE D 186 11.47 14.89 -24.73
CA ILE D 186 12.57 15.80 -24.55
C ILE D 186 13.76 14.96 -24.09
N LYS D 187 14.86 15.04 -24.85
CA LYS D 187 16.05 14.26 -24.54
C LYS D 187 17.22 15.07 -24.02
N PHE D 188 17.83 14.58 -22.94
CA PHE D 188 18.98 15.23 -22.32
C PHE D 188 20.26 14.45 -22.63
N ILE D 189 21.29 15.18 -23.04
CA ILE D 189 22.57 14.59 -23.37
C ILE D 189 23.64 15.19 -22.47
N GLU D 190 24.24 14.36 -21.64
CA GLU D 190 25.26 14.84 -20.72
C GLU D 190 26.66 14.75 -21.34
N ASN D 191 27.54 15.64 -20.92
CA ASN D 191 28.90 15.71 -21.44
C ASN D 191 29.68 14.41 -21.28
N ASN D 192 29.09 13.43 -20.60
CA ASN D 192 29.77 12.16 -20.39
C ASN D 192 29.16 11.08 -21.29
N GLY D 193 28.32 11.50 -22.24
CA GLY D 193 27.70 10.56 -23.14
C GLY D 193 26.37 9.98 -22.67
N ASN D 194 26.09 10.09 -21.37
CA ASN D 194 24.84 9.58 -20.83
C ASN D 194 23.62 10.37 -21.28
N THR D 195 22.55 9.65 -21.67
CA THR D 195 21.32 10.29 -22.13
C THR D 195 20.07 9.67 -21.53
N PHE D 196 19.03 10.50 -21.39
CA PHE D 196 17.73 10.06 -20.88
C PHE D 196 16.67 11.00 -21.47
N TRP D 197 15.44 10.51 -21.56
CA TRP D 197 14.35 11.30 -22.13
C TRP D 197 13.03 11.17 -21.38
N TYR D 198 12.14 12.12 -21.62
CA TYR D 198 10.83 12.14 -20.99
C TYR D 198 9.77 12.24 -22.08
N ASP D 199 8.65 11.55 -21.92
CA ASP D 199 7.57 11.61 -22.89
C ASP D 199 6.85 12.91 -22.55
N MET D 200 6.51 13.69 -23.57
CA MET D 200 5.86 14.97 -23.37
C MET D 200 4.35 14.92 -23.53
N MET D 201 3.82 13.76 -23.91
CA MET D 201 2.38 13.64 -24.11
C MET D 201 1.73 12.85 -22.98
N PRO D 202 0.44 13.13 -22.72
CA PRO D 202 -0.31 12.45 -21.66
C PRO D 202 -0.59 10.99 -22.02
N ALA D 203 -0.71 10.16 -20.98
CA ALA D 203 -1.00 8.76 -21.18
C ALA D 203 -2.33 8.64 -21.94
N PRO D 204 -2.48 7.57 -22.72
CA PRO D 204 -3.72 7.38 -23.48
C PRO D 204 -4.92 7.31 -22.55
N GLY D 205 -6.07 7.77 -23.01
CA GLY D 205 -7.24 7.74 -22.18
C GLY D 205 -8.02 9.04 -22.23
N ASP D 206 -9.03 9.15 -21.38
CA ASP D 206 -9.88 10.35 -21.35
C ASP D 206 -9.66 11.26 -20.15
N LYS D 207 -8.63 10.97 -19.36
CA LYS D 207 -8.32 11.77 -18.18
C LYS D 207 -6.81 11.87 -17.93
N PHE D 208 -6.34 13.09 -17.71
CA PHE D 208 -4.93 13.32 -17.45
C PHE D 208 -4.67 13.36 -15.94
N ASP D 209 -3.78 12.51 -15.46
CA ASP D 209 -3.44 12.46 -14.03
C ASP D 209 -2.15 13.26 -13.84
N GLN D 210 -2.29 14.53 -13.47
CA GLN D 210 -1.15 15.41 -13.27
C GLN D 210 -0.13 14.83 -12.30
N SER D 211 -0.62 14.41 -11.14
CA SER D 211 0.23 13.85 -10.09
C SER D 211 1.05 12.68 -10.59
N LYS D 212 0.38 11.74 -11.26
CA LYS D 212 1.03 10.55 -11.77
C LYS D 212 2.09 10.91 -12.83
N TYR D 213 1.74 11.84 -13.72
CA TYR D 213 2.66 12.24 -14.77
C TYR D 213 3.94 12.91 -14.23
N LEU D 214 3.78 13.85 -13.30
CA LEU D 214 4.91 14.57 -12.74
C LEU D 214 5.79 13.70 -11.85
N MET D 215 5.30 12.52 -11.49
CA MET D 215 6.07 11.65 -10.65
C MET D 215 7.40 11.26 -11.30
N MET D 216 7.51 11.44 -12.62
CA MET D 216 8.74 11.08 -13.31
C MET D 216 9.94 11.94 -12.85
N TYR D 217 9.66 13.14 -12.34
CA TYR D 217 10.71 14.03 -11.85
C TYR D 217 11.17 13.58 -10.46
N ASN D 218 10.67 12.42 -10.06
CA ASN D 218 10.94 11.74 -8.81
C ASN D 218 12.41 11.61 -8.42
N ASP D 219 13.20 11.09 -9.36
CA ASP D 219 14.62 10.83 -9.16
C ASP D 219 15.47 12.07 -8.86
N ASN D 220 14.89 13.26 -9.00
CA ASN D 220 15.64 14.47 -8.71
C ASN D 220 16.91 14.52 -9.57
N LYS D 221 16.80 14.08 -10.81
CA LYS D 221 17.91 14.05 -11.75
C LYS D 221 18.52 15.43 -11.97
N THR D 222 19.83 15.53 -11.79
CA THR D 222 20.52 16.80 -12.00
C THR D 222 21.55 16.64 -13.11
N VAL D 223 21.89 17.76 -13.76
CA VAL D 223 22.88 17.77 -14.84
C VAL D 223 23.71 19.04 -14.76
N ASP D 224 24.85 19.01 -15.43
CA ASP D 224 25.75 20.16 -15.47
C ASP D 224 25.25 21.14 -16.53
N SER D 225 24.74 22.28 -16.08
CA SER D 225 24.20 23.29 -16.97
C SER D 225 25.14 23.87 -18.03
N LYS D 226 26.42 23.98 -17.71
CA LYS D 226 27.36 24.55 -18.69
C LYS D 226 27.73 23.59 -19.81
N SER D 227 27.44 22.30 -19.64
CA SER D 227 27.80 21.32 -20.68
C SER D 227 26.67 20.44 -21.22
N VAL D 228 25.54 20.37 -20.51
CA VAL D 228 24.42 19.53 -20.96
C VAL D 228 23.73 20.13 -22.18
N LYS D 229 23.22 19.26 -23.04
CA LYS D 229 22.51 19.68 -24.25
C LYS D 229 21.12 19.05 -24.25
N ILE D 230 20.16 19.77 -24.84
CA ILE D 230 18.78 19.32 -24.88
C ILE D 230 18.24 19.26 -26.30
N GLU D 231 17.49 18.19 -26.58
CA GLU D 231 16.87 17.99 -27.88
C GLU D 231 15.39 17.66 -27.69
N VAL D 232 14.52 18.43 -28.35
CA VAL D 232 13.10 18.16 -28.28
C VAL D 232 12.68 17.55 -29.60
N HIS D 233 12.24 16.29 -29.57
CA HIS D 233 11.80 15.62 -30.80
C HIS D 233 10.29 15.49 -30.89
N LEU D 234 9.68 16.15 -31.88
CA LEU D 234 8.24 16.11 -32.05
C LEU D 234 7.86 15.52 -33.41
N THR D 235 6.58 15.18 -33.58
CA THR D 235 6.06 14.67 -34.85
C THR D 235 4.62 15.13 -35.00
N THR D 236 4.24 15.51 -36.21
CA THR D 236 2.86 15.93 -36.49
C THR D 236 2.15 14.63 -36.87
N LYS D 237 0.85 14.54 -36.64
CA LYS D 237 0.14 13.29 -36.94
C LYS D 237 0.48 12.70 -38.31
N ASN D 238 0.24 13.48 -39.36
CA ASN D 238 0.52 13.03 -40.72
C ASN D 238 1.92 13.44 -41.21
N GLY D 239 2.25 14.71 -41.06
CA GLY D 239 3.54 15.20 -41.48
C GLY D 239 3.48 16.60 -42.06
#